data_3H9O
#
_entry.id   3H9O
#
_cell.length_a   123.770
_cell.length_b   123.770
_cell.length_c   47.116
_cell.angle_alpha   90.00
_cell.angle_beta   90.00
_cell.angle_gamma   120.00
#
_symmetry.space_group_name_H-M   'P 32 2 1'
#
loop_
_entity.id
_entity.type
_entity.pdbx_description
1 polymer '3-phosphoinositide-dependent protein kinase 1'
2 non-polymer 2-(1H-imidazol-1-yl)-9-methoxy-8-(2-methoxyethoxy)benzo[c][2,7]naphthyridin-4-amine
3 water water
#
_entity_poly.entity_id   1
_entity_poly.type   'polypeptide(L)'
_entity_poly.pdbx_seq_one_letter_code
;GPMDGTAAEPRPGAGSLQHAQPPPQPRKKRPEDFKFGKILGEGSFSTVVLARELATSREYAIKILEKRHIIKENKVPYVT
RERDVMSRLDHPFFVKLYFTFQDDEKLYFGLSYAKNGELLKYIRKIGSFDETCTRFYTAEIVSALEYLHGKGIIHRDLKP
ENILLNEDMHIQITDFGTAKVLSPESKQARAN(SEP)FVGTAQYVSPELLTEKSACKSSDLWALGCIIYQLVAGLPPFRA
GNEYLIFQKIIKLEYDFPEKFFPKARDLVEKLLVLDATKRLGCEEMEGYGPLKAHPFFESVTWENLHQQTPPKLT
;
_entity_poly.pdbx_strand_id   A
#
loop_
_chem_comp.id
_chem_comp.type
_chem_comp.name
_chem_comp.formula
9BD non-polymer 2-(1H-imidazol-1-yl)-9-methoxy-8-(2-methoxyethoxy)benzo[c][2,7]naphthyridin-4-amine 'C19 H19 N5 O3'
#
# COMPACT_ATOMS: atom_id res chain seq x y z
N ARG A 27 -26.51 -14.42 11.84
CA ARG A 27 -26.03 -13.90 10.55
C ARG A 27 -24.57 -14.24 10.26
N LYS A 28 -23.81 -14.67 11.27
CA LYS A 28 -22.41 -15.02 11.06
C LYS A 28 -22.28 -15.97 9.88
N LYS A 29 -21.25 -15.78 9.08
CA LYS A 29 -20.98 -16.70 7.99
C LYS A 29 -20.10 -17.82 8.53
N ARG A 30 -19.96 -18.88 7.75
CA ARG A 30 -19.23 -20.06 8.16
C ARG A 30 -18.44 -20.53 6.97
N PRO A 31 -17.37 -21.31 7.21
CA PRO A 31 -16.59 -21.92 6.13
C PRO A 31 -17.45 -22.71 5.13
N GLU A 32 -18.52 -23.35 5.59
CA GLU A 32 -19.39 -24.13 4.70
C GLU A 32 -20.15 -23.25 3.73
N ASP A 33 -20.32 -21.98 4.10
CA ASP A 33 -21.02 -21.01 3.26
C ASP A 33 -20.25 -20.69 1.99
N PHE A 34 -19.03 -21.23 1.88
CA PHE A 34 -18.14 -20.88 0.78
C PHE A 34 -17.61 -22.08 0.03
N LYS A 35 -17.32 -21.85 -1.25
CA LYS A 35 -16.49 -22.77 -2.01
C LYS A 35 -15.13 -22.11 -2.14
N PHE A 36 -14.13 -22.65 -1.44
CA PHE A 36 -12.78 -22.09 -1.46
C PHE A 36 -12.05 -22.52 -2.73
N GLY A 37 -11.26 -21.62 -3.29
CA GLY A 37 -10.52 -21.91 -4.50
C GLY A 37 -9.04 -21.73 -4.27
N LYS A 38 -8.38 -21.11 -5.23
CA LYS A 38 -6.93 -21.00 -5.23
C LYS A 38 -6.41 -20.03 -4.19
N ILE A 39 -5.20 -20.31 -3.72
CA ILE A 39 -4.46 -19.42 -2.85
C ILE A 39 -4.02 -18.18 -3.63
N LEU A 40 -4.32 -17.00 -3.10
CA LEU A 40 -3.92 -15.74 -3.73
C LEU A 40 -2.59 -15.26 -3.19
N GLY A 41 -2.33 -15.53 -1.92
CA GLY A 41 -1.09 -15.11 -1.32
C GLY A 41 -0.83 -15.77 0.02
N GLU A 42 0.45 -15.84 0.39
CA GLU A 42 0.84 -16.41 1.68
C GLU A 42 1.77 -15.50 2.45
N GLY A 43 1.51 -15.35 3.73
CA GLY A 43 2.41 -14.65 4.63
C GLY A 43 2.87 -15.60 5.72
N SER A 44 3.66 -15.07 6.65
CA SER A 44 4.14 -15.87 7.77
C SER A 44 2.99 -16.24 8.69
N PHE A 45 2.00 -15.36 8.79
CA PHE A 45 0.90 -15.57 9.73
C PHE A 45 -0.47 -15.70 9.06
N SER A 46 -0.48 -15.71 7.73
CA SER A 46 -1.75 -15.72 7.03
C SER A 46 -1.64 -16.32 5.63
N THR A 47 -2.78 -16.78 5.12
CA THR A 47 -2.91 -17.23 3.75
C THR A 47 -4.17 -16.54 3.22
N VAL A 48 -4.08 -15.96 2.03
CA VAL A 48 -5.26 -15.36 1.43
C VAL A 48 -5.79 -16.29 0.33
N VAL A 49 -7.06 -16.69 0.45
CA VAL A 49 -7.65 -17.64 -0.48
C VAL A 49 -8.86 -17.03 -1.17
N LEU A 50 -8.96 -17.22 -2.49
CA LEU A 50 -10.15 -16.82 -3.23
C LEU A 50 -11.31 -17.75 -2.87
N ALA A 51 -12.45 -17.17 -2.53
CA ALA A 51 -13.62 -17.96 -2.13
C ALA A 51 -14.90 -17.43 -2.76
N ARG A 52 -15.76 -18.35 -3.19
CA ARG A 52 -17.03 -18.00 -3.83
C ARG A 52 -18.15 -18.32 -2.85
N GLU A 53 -18.81 -17.29 -2.33
CA GLU A 53 -19.92 -17.52 -1.41
C GLU A 53 -21.08 -18.19 -2.16
N LEU A 54 -21.64 -19.25 -1.60
CA LEU A 54 -22.63 -20.07 -2.32
C LEU A 54 -23.98 -19.40 -2.56
N ALA A 55 -24.49 -18.70 -1.56
CA ALA A 55 -25.82 -18.08 -1.63
C ALA A 55 -25.90 -16.93 -2.62
N THR A 56 -24.77 -16.30 -2.94
CA THR A 56 -24.78 -15.04 -3.66
C THR A 56 -23.98 -15.08 -4.95
N SER A 57 -23.06 -16.02 -5.05
CA SER A 57 -22.20 -16.12 -6.23
C SER A 57 -20.99 -15.17 -6.10
N ARG A 58 -20.92 -14.44 -4.98
CA ARG A 58 -19.87 -13.44 -4.78
C ARG A 58 -18.48 -14.00 -4.46
N GLU A 59 -17.48 -13.42 -5.09
CA GLU A 59 -16.09 -13.75 -4.82
C GLU A 59 -15.48 -12.83 -3.77
N TYR A 60 -15.01 -13.41 -2.67
CA TYR A 60 -14.22 -12.66 -1.70
C TYR A 60 -12.81 -13.21 -1.63
N ALA A 61 -11.88 -12.34 -1.24
CA ALA A 61 -10.55 -12.77 -0.89
C ALA A 61 -10.54 -12.95 0.62
N ILE A 62 -10.60 -14.20 1.08
CA ILE A 62 -10.65 -14.48 2.51
C ILE A 62 -9.26 -14.70 3.09
N LYS A 63 -8.88 -13.83 4.02
CA LYS A 63 -7.62 -13.95 4.73
C LYS A 63 -7.79 -14.94 5.90
N ILE A 64 -6.98 -15.99 5.90
CA ILE A 64 -7.06 -17.01 6.95
C ILE A 64 -5.83 -16.98 7.85
N LEU A 65 -6.06 -16.93 9.17
CA LEU A 65 -4.95 -16.87 10.11
C LEU A 65 -5.14 -17.91 11.20
N GLU A 66 -4.11 -18.71 11.43
CA GLU A 66 -4.15 -19.73 12.46
C GLU A 66 -3.91 -19.14 13.85
N LYS A 67 -4.86 -19.34 14.74
CA LYS A 67 -4.83 -18.74 16.07
C LYS A 67 -3.58 -19.16 16.87
N ARG A 68 -3.27 -20.45 16.86
CA ARG A 68 -2.15 -20.96 17.64
C ARG A 68 -0.85 -20.24 17.27
N HIS A 69 -0.60 -20.11 15.98
CA HIS A 69 0.64 -19.48 15.49
C HIS A 69 0.68 -17.99 15.83
N ILE A 70 -0.48 -17.35 15.85
CA ILE A 70 -0.59 -15.96 16.27
C ILE A 70 -0.24 -15.79 17.74
N ILE A 71 -0.83 -16.65 18.58
CA ILE A 71 -0.60 -16.62 20.02
C ILE A 71 0.86 -16.94 20.37
N LYS A 72 1.37 -18.01 19.78
CA LYS A 72 2.75 -18.43 19.94
C LYS A 72 3.74 -17.31 19.66
N GLU A 73 3.51 -16.56 18.59
CA GLU A 73 4.45 -15.53 18.16
C GLU A 73 4.08 -14.14 18.68
N ASN A 74 3.13 -14.08 19.61
CA ASN A 74 2.71 -12.80 20.19
C ASN A 74 2.24 -11.77 19.15
N LYS A 75 1.34 -12.19 18.26
CA LYS A 75 0.84 -11.31 17.22
C LYS A 75 -0.58 -10.82 17.50
N VAL A 76 -1.17 -11.25 18.62
CA VAL A 76 -2.53 -10.86 18.93
C VAL A 76 -2.82 -9.36 18.75
N PRO A 77 -1.92 -8.49 19.25
CA PRO A 77 -2.18 -7.05 19.09
C PRO A 77 -2.12 -6.61 17.62
N TYR A 78 -1.32 -7.31 16.82
CA TYR A 78 -1.17 -6.96 15.40
C TYR A 78 -2.38 -7.37 14.58
N VAL A 79 -2.93 -8.55 14.88
CA VAL A 79 -4.12 -9.03 14.23
C VAL A 79 -5.37 -8.24 14.65
N THR A 80 -5.48 -7.96 15.94
CA THR A 80 -6.57 -7.12 16.43
C THR A 80 -6.58 -5.74 15.77
N ARG A 81 -5.41 -5.11 15.78
CA ARG A 81 -5.28 -3.78 15.18
C ARG A 81 -5.60 -3.82 13.67
N GLU A 82 -5.23 -4.90 12.99
CA GLU A 82 -5.49 -5.01 11.55
C GLU A 82 -6.99 -5.06 11.26
N ARG A 83 -7.71 -5.82 12.06
CA ARG A 83 -9.15 -5.95 11.88
C ARG A 83 -9.84 -4.64 12.21
N ASP A 84 -9.46 -4.05 13.35
CA ASP A 84 -10.00 -2.76 13.76
C ASP A 84 -9.77 -1.66 12.72
N VAL A 85 -8.55 -1.55 12.20
CA VAL A 85 -8.27 -0.55 11.17
C VAL A 85 -9.10 -0.78 9.91
N MET A 86 -9.22 -2.04 9.49
CA MET A 86 -9.96 -2.34 8.26
C MET A 86 -11.46 -2.03 8.40
N SER A 87 -12.01 -2.21 9.60
CA SER A 87 -13.42 -1.92 9.83
C SER A 87 -13.70 -0.46 9.55
N ARG A 88 -12.68 0.37 9.74
CA ARG A 88 -12.86 1.81 9.64
C ARG A 88 -12.57 2.39 8.26
N LEU A 89 -12.22 1.52 7.32
CA LEU A 89 -11.94 1.97 5.95
C LEU A 89 -13.19 1.92 5.11
N ASP A 90 -13.60 3.09 4.62
CA ASP A 90 -14.77 3.18 3.77
C ASP A 90 -14.46 4.07 2.58
N HIS A 91 -13.51 3.63 1.77
CA HIS A 91 -13.05 4.39 0.63
C HIS A 91 -12.80 3.44 -0.53
N PRO A 92 -13.16 3.85 -1.74
CA PRO A 92 -13.01 2.94 -2.91
C PRO A 92 -11.57 2.55 -3.19
N PHE A 93 -10.58 3.27 -2.67
CA PHE A 93 -9.18 2.93 -2.92
C PHE A 93 -8.56 2.01 -1.85
N PHE A 94 -9.37 1.53 -0.91
CA PHE A 94 -8.87 0.60 0.13
C PHE A 94 -9.70 -0.69 0.18
N VAL A 95 -9.07 -1.78 0.60
CA VAL A 95 -9.80 -3.03 0.82
C VAL A 95 -10.94 -2.74 1.71
N LYS A 96 -11.96 -3.57 1.61
CA LYS A 96 -13.11 -3.48 2.50
C LYS A 96 -13.22 -4.78 3.30
N LEU A 97 -13.46 -4.66 4.60
CA LEU A 97 -13.75 -5.81 5.45
C LEU A 97 -15.26 -6.03 5.42
N TYR A 98 -15.70 -7.09 4.74
CA TYR A 98 -17.13 -7.40 4.66
C TYR A 98 -17.62 -8.20 5.87
N PHE A 99 -16.78 -9.12 6.36
CA PHE A 99 -17.18 -10.00 7.43
C PHE A 99 -15.98 -10.68 8.09
N THR A 100 -16.20 -11.17 9.30
CA THR A 100 -15.24 -12.02 9.96
C THR A 100 -16.00 -13.18 10.61
N PHE A 101 -15.34 -14.32 10.72
CA PHE A 101 -15.82 -15.40 11.57
C PHE A 101 -14.61 -16.21 11.98
N GLN A 102 -14.84 -17.24 12.78
CA GLN A 102 -13.76 -18.13 13.18
C GLN A 102 -14.28 -19.50 13.54
N ASP A 103 -13.46 -20.52 13.24
CA ASP A 103 -13.73 -21.86 13.75
C ASP A 103 -12.76 -22.15 14.89
N ASP A 104 -12.55 -23.41 15.24
CA ASP A 104 -11.70 -23.76 16.38
C ASP A 104 -10.23 -23.35 16.21
N GLU A 105 -9.72 -23.43 14.99
CA GLU A 105 -8.29 -23.23 14.75
C GLU A 105 -7.98 -21.90 14.07
N LYS A 106 -8.98 -21.27 13.45
CA LYS A 106 -8.69 -20.22 12.48
C LYS A 106 -9.59 -18.98 12.53
N LEU A 107 -8.99 -17.82 12.26
CA LEU A 107 -9.73 -16.59 11.98
C LEU A 107 -9.89 -16.39 10.47
N TYR A 108 -11.07 -15.90 10.06
CA TYR A 108 -11.32 -15.58 8.66
C TYR A 108 -11.73 -14.12 8.51
N PHE A 109 -11.03 -13.37 7.67
CA PHE A 109 -11.47 -12.02 7.32
C PHE A 109 -11.91 -11.98 5.86
N GLY A 110 -13.17 -11.64 5.61
CA GLY A 110 -13.70 -11.53 4.26
C GLY A 110 -13.40 -10.18 3.62
N LEU A 111 -12.49 -10.18 2.65
CA LEU A 111 -11.98 -8.95 2.04
C LEU A 111 -12.41 -8.81 0.59
N SER A 112 -12.41 -7.59 0.08
CA SER A 112 -12.72 -7.38 -1.33
C SER A 112 -11.69 -8.09 -2.20
N TYR A 113 -12.16 -8.67 -3.30
CA TYR A 113 -11.31 -9.39 -4.24
C TYR A 113 -10.81 -8.46 -5.37
N ALA A 114 -9.49 -8.31 -5.48
CA ALA A 114 -8.87 -7.46 -6.48
C ALA A 114 -8.48 -8.28 -7.70
N LYS A 115 -9.38 -8.35 -8.68
CA LYS A 115 -9.26 -9.27 -9.80
C LYS A 115 -7.93 -9.20 -10.56
N ASN A 116 -7.37 -8.01 -10.70
CA ASN A 116 -6.17 -7.86 -11.50
C ASN A 116 -4.83 -7.87 -10.73
N GLY A 117 -4.90 -8.15 -9.43
CA GLY A 117 -3.71 -8.42 -8.65
C GLY A 117 -2.80 -7.24 -8.34
N GLU A 118 -1.55 -7.56 -8.04
CA GLU A 118 -0.56 -6.58 -7.61
C GLU A 118 -0.18 -5.60 -8.71
N LEU A 119 0.09 -4.36 -8.30
CA LEU A 119 0.63 -3.34 -9.18
C LEU A 119 2.00 -3.76 -9.68
N LEU A 120 2.74 -4.44 -8.81
CA LEU A 120 4.08 -4.94 -9.14
C LEU A 120 4.09 -5.76 -10.43
N LYS A 121 3.07 -6.58 -10.63
CA LYS A 121 2.94 -7.40 -11.83
C LYS A 121 2.94 -6.56 -13.11
N TYR A 122 2.22 -5.44 -13.09
CA TYR A 122 2.18 -4.55 -14.26
C TYR A 122 3.48 -3.81 -14.48
N ILE A 123 4.14 -3.43 -13.39
CA ILE A 123 5.43 -2.77 -13.51
C ILE A 123 6.42 -3.68 -14.26
N ARG A 124 6.38 -4.97 -13.94
CA ARG A 124 7.25 -5.95 -14.59
C ARG A 124 6.82 -6.30 -16.01
N LYS A 125 5.53 -6.54 -16.21
CA LYS A 125 5.04 -6.84 -17.55
C LYS A 125 5.42 -5.76 -18.56
N ILE A 126 5.18 -4.49 -18.21
CA ILE A 126 5.42 -3.41 -19.18
C ILE A 126 6.74 -2.68 -18.98
N GLY A 127 7.49 -3.04 -17.94
CA GLY A 127 8.80 -2.44 -17.71
C GLY A 127 8.78 -1.15 -16.92
N SER A 128 8.03 -0.17 -17.42
CA SER A 128 7.80 1.09 -16.73
C SER A 128 6.60 1.78 -17.33
N PHE A 129 6.01 2.70 -16.58
CA PHE A 129 4.79 3.39 -17.00
C PHE A 129 5.16 4.64 -17.78
N ASP A 130 4.40 4.94 -18.83
CA ASP A 130 4.50 6.24 -19.49
C ASP A 130 4.06 7.32 -18.50
N GLU A 131 4.00 8.58 -18.94
CA GLU A 131 3.70 9.68 -18.02
C GLU A 131 2.23 9.75 -17.60
N THR A 132 1.33 9.53 -18.54
CA THR A 132 -0.11 9.55 -18.26
C THR A 132 -0.47 8.54 -17.18
N CYS A 133 0.03 7.30 -17.35
CA CYS A 133 -0.23 6.23 -16.39
C CYS A 133 0.38 6.51 -15.02
N THR A 134 1.66 6.89 -14.99
CA THR A 134 2.32 7.24 -13.74
C THR A 134 1.52 8.32 -13.01
N ARG A 135 1.16 9.37 -13.74
CA ARG A 135 0.38 10.45 -13.15
C ARG A 135 -0.94 9.97 -12.57
N PHE A 136 -1.65 9.13 -13.30
CA PHE A 136 -2.98 8.73 -12.86
C PHE A 136 -2.90 7.85 -11.62
N TYR A 137 -1.99 6.88 -11.64
CA TYR A 137 -1.89 5.93 -10.53
C TYR A 137 -1.26 6.54 -9.28
N THR A 138 -0.27 7.40 -9.48
CA THR A 138 0.29 8.19 -8.40
C THR A 138 -0.83 8.99 -7.74
N ALA A 139 -1.59 9.71 -8.56
CA ALA A 139 -2.68 10.53 -8.04
C ALA A 139 -3.65 9.70 -7.16
N GLU A 140 -3.92 8.46 -7.56
CA GLU A 140 -4.84 7.63 -6.79
C GLU A 140 -4.22 7.23 -5.46
N ILE A 141 -2.92 7.00 -5.46
CA ILE A 141 -2.21 6.63 -4.24
C ILE A 141 -2.21 7.84 -3.30
N VAL A 142 -2.03 9.02 -3.87
CA VAL A 142 -2.06 10.26 -3.08
C VAL A 142 -3.42 10.48 -2.39
N SER A 143 -4.52 10.40 -3.16
CA SER A 143 -5.87 10.47 -2.59
C SER A 143 -6.11 9.43 -1.52
N ALA A 144 -5.69 8.19 -1.78
CA ALA A 144 -5.81 7.12 -0.79
C ALA A 144 -5.09 7.51 0.49
N LEU A 145 -3.85 7.96 0.36
CA LEU A 145 -3.08 8.40 1.53
C LEU A 145 -3.72 9.57 2.23
N GLU A 146 -4.28 10.52 1.47
CA GLU A 146 -4.95 11.66 2.07
C GLU A 146 -6.09 11.19 2.97
N TYR A 147 -6.86 10.23 2.45
CA TYR A 147 -7.96 9.66 3.21
C TYR A 147 -7.48 8.93 4.46
N LEU A 148 -6.42 8.14 4.29
CA LEU A 148 -5.93 7.26 5.34
C LEU A 148 -5.38 8.10 6.47
N HIS A 149 -4.54 9.06 6.12
CA HIS A 149 -3.89 9.91 7.09
C HIS A 149 -4.88 10.86 7.75
N GLY A 150 -5.97 11.15 7.04
CA GLY A 150 -7.05 11.96 7.59
C GLY A 150 -7.62 11.30 8.84
N LYS A 151 -7.55 9.97 8.90
CA LYS A 151 -8.12 9.24 10.02
C LYS A 151 -7.07 8.89 11.07
N GLY A 152 -5.87 9.43 10.92
CA GLY A 152 -4.81 9.18 11.87
C GLY A 152 -4.29 7.76 11.78
N ILE A 153 -4.38 7.16 10.61
CA ILE A 153 -3.88 5.82 10.42
C ILE A 153 -2.67 5.87 9.52
N ILE A 154 -1.65 5.09 9.88
CA ILE A 154 -0.42 5.01 9.11
C ILE A 154 -0.24 3.57 8.65
N HIS A 155 0.10 3.38 7.38
CA HIS A 155 0.17 2.04 6.81
C HIS A 155 1.45 1.31 7.23
N ARG A 156 2.60 1.96 7.01
CA ARG A 156 3.91 1.46 7.46
C ARG A 156 4.53 0.39 6.57
N ASP A 157 3.86 0.00 5.50
CA ASP A 157 4.46 -0.98 4.59
C ASP A 157 3.97 -0.85 3.14
N LEU A 158 3.78 0.39 2.71
CA LEU A 158 3.26 0.65 1.38
C LEU A 158 4.26 0.21 0.30
N LYS A 159 3.77 -0.54 -0.68
CA LYS A 159 4.61 -1.04 -1.77
C LYS A 159 3.74 -1.58 -2.90
N PRO A 160 4.31 -1.73 -4.10
CA PRO A 160 3.54 -2.22 -5.25
C PRO A 160 2.88 -3.58 -4.98
N GLU A 161 3.47 -4.40 -4.11
CA GLU A 161 2.89 -5.69 -3.74
C GLU A 161 1.57 -5.49 -3.00
N ASN A 162 1.49 -4.42 -2.22
CA ASN A 162 0.33 -4.06 -1.42
C ASN A 162 -0.71 -3.19 -2.13
N ILE A 163 -0.33 -2.68 -3.29
CA ILE A 163 -1.23 -1.84 -4.07
C ILE A 163 -1.82 -2.69 -5.18
N LEU A 164 -3.06 -3.12 -4.98
CA LEU A 164 -3.72 -4.03 -5.89
C LEU A 164 -4.53 -3.29 -6.94
N LEU A 165 -4.85 -3.98 -8.03
CA LEU A 165 -5.69 -3.42 -9.07
C LEU A 165 -6.95 -4.26 -9.22
N ASN A 166 -8.12 -3.66 -9.04
CA ASN A 166 -9.34 -4.44 -9.23
C ASN A 166 -9.78 -4.44 -10.68
N GLU A 167 -10.91 -5.06 -10.97
CA GLU A 167 -11.29 -5.33 -12.35
C GLU A 167 -11.39 -4.08 -13.23
N ASP A 168 -11.66 -2.93 -12.62
CA ASP A 168 -11.73 -1.66 -13.35
C ASP A 168 -10.35 -1.02 -13.55
N MET A 169 -9.34 -1.60 -12.91
CA MET A 169 -7.99 -1.07 -12.95
C MET A 169 -7.79 0.16 -12.06
N HIS A 170 -8.73 0.39 -11.14
CA HIS A 170 -8.51 1.33 -10.05
C HIS A 170 -7.76 0.62 -8.92
N ILE A 171 -6.97 1.37 -8.15
CA ILE A 171 -6.15 0.78 -7.12
C ILE A 171 -6.97 0.34 -5.92
N GLN A 172 -6.45 -0.66 -5.22
CA GLN A 172 -7.02 -1.07 -3.96
C GLN A 172 -5.87 -1.43 -3.03
N ILE A 173 -5.62 -0.57 -2.05
CA ILE A 173 -4.52 -0.76 -1.11
C ILE A 173 -4.93 -1.71 0.02
N THR A 174 -4.09 -2.71 0.29
CA THR A 174 -4.43 -3.71 1.29
C THR A 174 -3.30 -3.97 2.30
N ASP A 175 -3.46 -5.03 3.08
CA ASP A 175 -2.44 -5.47 4.05
C ASP A 175 -2.22 -4.49 5.19
N PHE A 176 -3.11 -4.53 6.17
CA PHE A 176 -3.08 -3.58 7.29
C PHE A 176 -2.56 -4.18 8.58
N GLY A 177 -1.87 -5.31 8.47
CA GLY A 177 -1.29 -5.98 9.63
C GLY A 177 -0.09 -5.27 10.24
N THR A 178 0.45 -4.29 9.55
CA THR A 178 1.60 -3.55 10.05
C THR A 178 1.21 -2.10 10.39
N ALA A 179 -0.06 -1.78 10.25
CA ALA A 179 -0.52 -0.41 10.37
C ALA A 179 -0.45 0.08 11.82
N LYS A 180 -0.46 1.39 11.98
CA LYS A 180 -0.42 2.01 13.30
C LYS A 180 -1.49 3.10 13.36
N VAL A 181 -2.23 3.14 14.45
CA VAL A 181 -3.21 4.20 14.68
C VAL A 181 -2.62 5.22 15.64
N LEU A 182 -2.54 6.48 15.21
CA LEU A 182 -1.97 7.53 16.06
C LEU A 182 -3.00 8.02 17.08
N SER A 183 -2.53 8.25 18.31
CA SER A 183 -3.36 8.79 19.38
C SER A 183 -4.17 10.01 18.92
N SEP A 193 8.67 0.62 16.22
CA SEP A 193 8.57 -0.72 16.78
CB SEP A 193 7.21 -0.94 17.44
OG SEP A 193 6.28 -1.57 16.57
C SEP A 193 8.74 -1.79 15.70
O SEP A 193 8.89 -2.97 16.01
P SEP A 193 4.75 -1.27 17.01
O1P SEP A 193 3.72 -2.06 16.05
O2P SEP A 193 4.47 0.32 16.91
O3P SEP A 193 4.51 -1.72 18.54
N PHE A 194 8.72 -1.38 14.44
CA PHE A 194 8.40 -2.32 13.37
C PHE A 194 9.44 -2.54 12.25
N VAL A 195 9.50 -1.60 11.30
CA VAL A 195 10.25 -1.78 10.05
C VAL A 195 9.50 -2.67 9.05
N GLY A 196 9.17 -2.13 7.87
CA GLY A 196 8.40 -2.86 6.88
C GLY A 196 9.23 -3.69 5.91
N THR A 197 9.22 -3.29 4.64
CA THR A 197 10.04 -3.92 3.62
C THR A 197 11.27 -3.05 3.37
N ALA A 198 12.44 -3.69 3.30
CA ALA A 198 13.73 -2.97 3.31
C ALA A 198 13.80 -1.84 2.28
N GLN A 199 13.45 -2.12 1.03
CA GLN A 199 13.58 -1.14 -0.04
C GLN A 199 12.73 0.11 0.16
N TYR A 200 11.72 0.03 1.03
CA TYR A 200 10.77 1.12 1.18
C TYR A 200 10.80 1.76 2.56
N VAL A 201 11.65 1.24 3.43
CA VAL A 201 11.85 1.78 4.78
C VAL A 201 12.46 3.19 4.74
N SER A 202 11.88 4.11 5.52
CA SER A 202 12.35 5.49 5.63
C SER A 202 13.50 5.60 6.61
N PRO A 203 14.35 6.63 6.45
CA PRO A 203 15.55 6.81 7.27
C PRO A 203 15.23 6.94 8.75
N GLU A 204 14.16 7.66 9.08
CA GLU A 204 13.80 7.90 10.48
C GLU A 204 13.52 6.60 11.22
N LEU A 205 13.11 5.58 10.48
CA LEU A 205 12.84 4.27 11.07
C LEU A 205 14.16 3.54 11.37
N LEU A 206 15.17 3.78 10.55
CA LEU A 206 16.50 3.19 10.77
C LEU A 206 17.27 4.00 11.80
N THR A 207 16.74 5.16 12.16
CA THR A 207 17.41 6.05 13.10
C THR A 207 16.72 6.11 14.47
N GLU A 208 15.57 6.77 14.54
CA GLU A 208 14.84 6.88 15.80
C GLU A 208 13.98 5.65 16.09
N LYS A 209 13.97 4.69 15.19
CA LYS A 209 13.01 3.59 15.26
C LYS A 209 11.60 4.20 15.38
N SER A 210 11.41 5.31 14.67
CA SER A 210 10.17 6.09 14.74
C SER A 210 9.35 5.97 13.46
N ALA A 211 8.11 6.48 13.47
CA ALA A 211 7.22 6.33 12.32
C ALA A 211 6.06 7.33 12.33
N CYS A 212 5.83 7.96 11.18
CA CYS A 212 4.80 8.98 11.08
C CYS A 212 4.15 8.93 9.69
N LYS A 213 3.18 9.81 9.47
CA LYS A 213 2.53 9.89 8.18
C LYS A 213 3.58 10.06 7.11
N SER A 214 4.61 10.85 7.42
CA SER A 214 5.74 11.06 6.52
C SER A 214 6.38 9.76 6.01
N SER A 215 6.42 8.74 6.86
CA SER A 215 6.99 7.44 6.48
C SER A 215 6.28 6.87 5.25
N ASP A 216 4.95 6.98 5.23
CA ASP A 216 4.16 6.56 4.08
C ASP A 216 4.53 7.41 2.84
N LEU A 217 4.80 8.69 3.06
CA LEU A 217 5.18 9.60 1.98
C LEU A 217 6.55 9.29 1.42
N TRP A 218 7.48 8.91 2.28
CA TRP A 218 8.75 8.40 1.81
C TRP A 218 8.48 7.22 0.88
N ALA A 219 7.69 6.28 1.34
CA ALA A 219 7.38 5.08 0.55
C ALA A 219 6.73 5.48 -0.77
N LEU A 220 5.92 6.54 -0.76
CA LEU A 220 5.29 7.06 -1.97
C LEU A 220 6.31 7.55 -2.98
N GLY A 221 7.35 8.24 -2.47
CA GLY A 221 8.46 8.69 -3.29
C GLY A 221 9.17 7.54 -4.00
N CYS A 222 9.39 6.44 -3.28
CA CYS A 222 10.02 5.25 -3.86
C CYS A 222 9.15 4.60 -4.95
N ILE A 223 7.84 4.56 -4.69
CA ILE A 223 6.91 3.93 -5.63
C ILE A 223 6.82 4.74 -6.93
N ILE A 224 6.79 6.06 -6.82
CA ILE A 224 6.81 6.90 -8.01
C ILE A 224 8.06 6.63 -8.81
N TYR A 225 9.21 6.71 -8.14
CA TYR A 225 10.48 6.41 -8.78
C TYR A 225 10.35 5.07 -9.53
N GLN A 226 9.79 4.08 -8.85
CA GLN A 226 9.69 2.74 -9.40
C GLN A 226 8.73 2.65 -10.60
N LEU A 227 7.62 3.38 -10.55
CA LEU A 227 6.70 3.40 -11.68
C LEU A 227 7.40 3.91 -12.95
N VAL A 228 8.25 4.92 -12.78
CA VAL A 228 8.90 5.59 -13.90
C VAL A 228 10.21 4.90 -14.35
N ALA A 229 11.05 4.55 -13.38
CA ALA A 229 12.33 3.92 -13.66
C ALA A 229 12.20 2.42 -13.92
N GLY A 230 11.21 1.78 -13.29
CA GLY A 230 11.03 0.36 -13.45
C GLY A 230 11.54 -0.42 -12.26
N LEU A 231 12.37 0.24 -11.44
CA LEU A 231 12.94 -0.39 -10.26
C LEU A 231 12.83 0.56 -9.07
N PRO A 232 12.92 0.03 -7.85
CA PRO A 232 12.96 0.87 -6.64
C PRO A 232 14.25 1.70 -6.62
N PRO A 233 14.26 2.82 -5.89
CA PRO A 233 15.42 3.72 -5.92
C PRO A 233 16.66 3.14 -5.25
N PHE A 234 16.49 2.49 -4.10
CA PHE A 234 17.61 1.96 -3.33
C PHE A 234 17.74 0.44 -3.48
N ARG A 235 18.81 0.02 -4.15
CA ARG A 235 19.08 -1.40 -4.42
C ARG A 235 20.45 -1.84 -3.92
N ALA A 236 20.54 -3.09 -3.46
CA ALA A 236 21.82 -3.61 -2.98
C ALA A 236 21.75 -5.08 -2.59
N GLY A 237 22.91 -5.72 -2.47
CA GLY A 237 23.00 -7.14 -2.21
C GLY A 237 22.29 -7.66 -0.97
N ASN A 238 22.10 -6.83 0.05
CA ASN A 238 21.44 -7.30 1.26
C ASN A 238 20.76 -6.19 2.06
N GLU A 239 19.99 -6.58 3.08
CA GLU A 239 19.32 -5.61 3.96
C GLU A 239 20.26 -4.50 4.43
N TYR A 240 21.43 -4.87 4.91
CA TYR A 240 22.34 -3.89 5.52
C TYR A 240 22.81 -2.84 4.53
N LEU A 241 23.19 -3.28 3.33
CA LEU A 241 23.68 -2.38 2.30
C LEU A 241 22.58 -1.43 1.84
N ILE A 242 21.36 -1.93 1.77
CA ILE A 242 20.19 -1.13 1.39
C ILE A 242 19.98 -0.03 2.42
N PHE A 243 20.03 -0.40 3.69
CA PHE A 243 19.87 0.57 4.77
C PHE A 243 20.95 1.64 4.73
N GLN A 244 22.16 1.28 4.30
CA GLN A 244 23.24 2.25 4.19
C GLN A 244 22.90 3.31 3.17
N LYS A 245 22.43 2.87 2.01
CA LYS A 245 22.08 3.79 0.93
C LYS A 245 20.94 4.70 1.36
N ILE A 246 19.98 4.14 2.08
CA ILE A 246 18.81 4.90 2.52
C ILE A 246 19.22 6.09 3.38
N ILE A 247 19.97 5.83 4.44
CA ILE A 247 20.39 6.90 5.33
C ILE A 247 21.33 7.91 4.66
N LYS A 248 22.02 7.48 3.59
CA LYS A 248 22.95 8.37 2.89
C LYS A 248 22.29 9.04 1.70
N LEU A 249 21.00 8.77 1.51
CA LEU A 249 20.24 9.25 0.36
C LEU A 249 21.01 8.95 -0.92
N GLU A 250 21.46 7.71 -1.03
CA GLU A 250 22.29 7.28 -2.15
C GLU A 250 21.48 6.61 -3.26
N TYR A 251 21.09 7.39 -4.25
CA TYR A 251 20.36 6.87 -5.40
C TYR A 251 20.47 7.88 -6.54
N ASP A 252 20.10 7.44 -7.75
CA ASP A 252 20.31 8.27 -8.92
C ASP A 252 19.10 8.20 -9.84
N PHE A 253 18.79 9.31 -10.50
CA PHE A 253 17.74 9.36 -11.50
C PHE A 253 18.32 9.06 -12.87
N PRO A 254 17.66 8.17 -13.63
CA PRO A 254 17.97 8.00 -15.05
C PRO A 254 17.70 9.31 -15.79
N GLU A 255 18.26 9.48 -16.98
CA GLU A 255 18.14 10.77 -17.68
C GLU A 255 16.76 10.98 -18.32
N LYS A 256 16.08 9.88 -18.63
CA LYS A 256 14.80 9.95 -19.32
C LYS A 256 13.64 10.20 -18.34
N PHE A 257 13.95 10.13 -17.05
CA PHE A 257 12.98 10.34 -15.97
C PHE A 257 12.20 11.64 -16.17
N PHE A 258 10.88 11.56 -16.21
CA PHE A 258 10.05 12.76 -16.42
C PHE A 258 10.44 13.84 -15.41
N PRO A 259 10.81 15.03 -15.92
CA PRO A 259 11.35 16.11 -15.09
C PRO A 259 10.46 16.50 -13.92
N LYS A 260 9.17 16.71 -14.18
CA LYS A 260 8.26 17.09 -13.13
C LYS A 260 8.07 15.97 -12.11
N ALA A 261 8.15 14.72 -12.58
CA ALA A 261 8.07 13.57 -11.69
C ALA A 261 9.34 13.50 -10.83
N ARG A 262 10.48 13.80 -11.44
CA ARG A 262 11.73 13.80 -10.68
C ARG A 262 11.67 14.85 -9.58
N ASP A 263 11.24 16.05 -9.92
CA ASP A 263 11.15 17.11 -8.93
C ASP A 263 10.29 16.70 -7.73
N LEU A 264 9.17 16.05 -8.02
CA LEU A 264 8.26 15.59 -6.98
C LEU A 264 8.93 14.53 -6.09
N VAL A 265 9.64 13.60 -6.73
CA VAL A 265 10.33 12.55 -6.01
C VAL A 265 11.38 13.15 -5.07
N GLU A 266 12.10 14.16 -5.58
CA GLU A 266 13.11 14.83 -4.76
C GLU A 266 12.51 15.56 -3.56
N LYS A 267 11.21 15.76 -3.57
CA LYS A 267 10.56 16.47 -2.48
C LYS A 267 9.86 15.51 -1.53
N LEU A 268 9.93 14.23 -1.85
CA LEU A 268 9.45 13.15 -0.99
C LEU A 268 10.61 12.38 -0.38
N LEU A 269 11.59 12.03 -1.20
CA LEU A 269 12.79 11.35 -0.72
C LEU A 269 13.71 12.34 -0.03
N VAL A 270 13.27 12.82 1.13
CA VAL A 270 13.99 13.83 1.88
C VAL A 270 14.26 13.26 3.27
N LEU A 271 15.53 13.29 3.69
CA LEU A 271 15.94 12.62 4.93
C LEU A 271 15.16 13.16 6.13
N ASP A 272 15.12 14.49 6.26
CA ASP A 272 14.29 15.11 7.28
C ASP A 272 12.81 14.83 6.99
N ALA A 273 12.17 14.05 7.86
CA ALA A 273 10.77 13.66 7.67
C ALA A 273 9.85 14.88 7.77
N THR A 274 10.40 15.95 8.31
CA THR A 274 9.65 17.17 8.58
C THR A 274 9.52 18.04 7.33
N LYS A 275 10.19 17.62 6.26
CA LYS A 275 10.27 18.45 5.07
C LYS A 275 9.83 17.74 3.78
N ARG A 276 9.08 16.66 3.92
CA ARG A 276 8.50 15.98 2.78
C ARG A 276 7.19 16.63 2.37
N LEU A 277 7.02 16.87 1.07
CA LEU A 277 5.72 17.31 0.56
C LEU A 277 4.63 16.38 1.08
N GLY A 278 3.59 16.95 1.69
CA GLY A 278 2.49 16.15 2.19
C GLY A 278 2.39 16.09 3.70
N CYS A 279 3.53 16.13 4.41
CA CYS A 279 3.51 16.08 5.86
C CYS A 279 2.90 17.35 6.45
N GLU A 280 2.35 17.29 7.65
CA GLU A 280 1.70 18.46 8.25
C GLU A 280 2.64 19.65 8.50
N GLU A 281 3.91 19.36 8.80
CA GLU A 281 4.91 20.42 8.93
C GLU A 281 5.08 21.18 7.61
N MET A 282 4.80 20.51 6.50
CA MET A 282 4.83 21.16 5.18
C MET A 282 3.41 21.59 4.77
N GLU A 283 2.49 21.53 5.72
CA GLU A 283 1.10 21.98 5.56
C GLU A 283 0.19 21.02 4.79
N GLY A 284 0.59 19.76 4.69
CA GLY A 284 -0.34 18.71 4.29
C GLY A 284 -0.52 18.47 2.81
N TYR A 285 -1.66 17.89 2.46
CA TYR A 285 -1.88 17.35 1.11
C TYR A 285 -2.20 18.38 0.04
N GLY A 286 -2.61 19.58 0.46
CA GLY A 286 -2.86 20.66 -0.47
C GLY A 286 -1.64 20.99 -1.32
N PRO A 287 -0.53 21.34 -0.66
CA PRO A 287 0.64 21.66 -1.50
C PRO A 287 1.05 20.50 -2.40
N LEU A 288 1.00 19.27 -1.89
CA LEU A 288 1.40 18.08 -2.66
C LEU A 288 0.53 17.86 -3.89
N LYS A 289 -0.78 17.99 -3.72
CA LYS A 289 -1.69 17.84 -4.84
C LYS A 289 -1.53 18.98 -5.84
N ALA A 290 -1.00 20.11 -5.37
CA ALA A 290 -0.79 21.28 -6.22
C ALA A 290 0.52 21.19 -6.97
N HIS A 291 1.27 20.11 -6.77
CA HIS A 291 2.54 19.95 -7.47
C HIS A 291 2.32 19.90 -8.99
N PRO A 292 3.23 20.52 -9.77
CA PRO A 292 3.14 20.61 -11.23
C PRO A 292 2.96 19.27 -11.95
N PHE A 293 3.48 18.18 -11.38
CA PHE A 293 3.29 16.86 -12.00
C PHE A 293 1.81 16.49 -12.08
N PHE A 294 1.02 16.98 -11.12
CA PHE A 294 -0.39 16.66 -11.03
C PHE A 294 -1.24 17.76 -11.66
N GLU A 295 -0.62 18.61 -12.46
CA GLU A 295 -1.27 19.76 -13.07
C GLU A 295 -2.64 19.43 -13.69
N SER A 296 -2.67 18.43 -14.55
CA SER A 296 -3.90 18.10 -15.27
C SER A 296 -4.87 17.21 -14.49
N VAL A 297 -4.49 16.82 -13.27
CA VAL A 297 -5.33 15.92 -12.49
C VAL A 297 -6.59 16.58 -11.94
N THR A 298 -7.73 15.94 -12.12
CA THR A 298 -8.96 16.30 -11.40
C THR A 298 -9.10 15.40 -10.17
N TRP A 299 -8.86 15.98 -8.99
CA TRP A 299 -8.70 15.20 -7.78
C TRP A 299 -9.99 14.67 -7.17
N GLU A 300 -11.09 15.32 -7.51
CA GLU A 300 -12.36 15.14 -6.79
C GLU A 300 -13.11 13.84 -7.09
N ASN A 301 -12.87 13.25 -8.26
CA ASN A 301 -13.65 12.08 -8.68
C ASN A 301 -12.80 11.00 -9.35
N LEU A 302 -11.55 10.90 -8.96
CA LEU A 302 -10.62 9.95 -9.56
C LEU A 302 -11.21 8.59 -9.86
N HIS A 303 -11.96 8.03 -8.90
CA HIS A 303 -12.42 6.66 -9.06
C HIS A 303 -13.59 6.52 -10.05
N GLN A 304 -14.13 7.65 -10.51
CA GLN A 304 -15.09 7.66 -11.62
C GLN A 304 -14.44 7.84 -12.99
N GLN A 305 -13.19 8.28 -13.01
CA GLN A 305 -12.47 8.41 -14.26
C GLN A 305 -12.06 7.02 -14.75
N THR A 306 -11.98 6.84 -16.07
CA THR A 306 -11.49 5.57 -16.57
C THR A 306 -9.97 5.64 -16.64
N PRO A 307 -9.28 4.69 -15.99
CA PRO A 307 -7.82 4.66 -15.97
C PRO A 307 -7.24 4.58 -17.38
N PRO A 308 -6.11 5.26 -17.62
CA PRO A 308 -5.39 5.15 -18.88
C PRO A 308 -5.03 3.68 -19.15
N LYS A 309 -5.07 3.29 -20.42
CA LYS A 309 -4.67 1.94 -20.81
C LYS A 309 -3.17 1.74 -20.53
N LEU A 310 -2.85 0.67 -19.80
CA LEU A 310 -1.47 0.36 -19.42
C LEU A 310 -0.68 -0.34 -20.53
N THR A 311 0.15 0.42 -21.23
CA THR A 311 0.97 -0.14 -22.30
C THR A 311 2.41 0.34 -22.17
C1 9BD B . -3.88 -11.48 -11.17
C2 9BD B . -5.07 -12.59 -9.45
C6 9BD B . -6.24 -10.20 -4.35
C9 9BD B . -3.77 -11.35 -5.06
C12 9BD B . -4.53 -9.73 -1.03
C15 9BD B . -6.73 -9.17 -1.84
C18 9BD B . -2.24 -9.29 2.67
O1 9BD B . -5.16 -11.74 -10.59
C3 9BD B . -5.57 -11.82 -8.24
O2 9BD B . -4.56 -11.79 -7.25
C4 9BD B . -4.82 -11.28 -6.00
C5 9BD B . -6.03 -10.71 -5.63
C7 9BD B . -5.22 -10.27 -3.40
C8 9BD B . -3.98 -10.85 -3.79
O3 9BD B . -2.60 -11.93 -5.47
C10 9BD B . -1.38 -11.35 -5.00
C11 9BD B . -5.47 -9.73 -2.09
C13 9BD B . -4.89 -9.18 0.20
N1 9BD B . -6.11 -8.65 0.42
C14 9BD B . -7.02 -8.65 -0.57
C16 9BD B . -7.67 -9.18 -2.88
N2 9BD B . -7.44 -9.67 -4.11
N3 9BD B . -8.24 -8.08 -0.26
N4 9BD B . -3.98 -9.19 1.30
C17 9BD B . -2.62 -9.41 1.34
N5 9BD B . -3.32 -9.01 3.45
C19 9BD B . -4.35 -8.95 2.61
#